data_7D78
#
_entry.id   7D78
#
_cell.length_a   178.707
_cell.length_b   47.569
_cell.length_c   71.695
_cell.angle_alpha   90.000
_cell.angle_beta   93.187
_cell.angle_gamma   90.000
#
_symmetry.space_group_name_H-M   'C 1 2 1'
#
loop_
_entity.id
_entity.type
_entity.pdbx_description
1 polymer 'DltD domain-containing protein'
2 non-polymer 'SODIUM ION'
3 non-polymer GLYCEROL
4 non-polymer 'CHLORIDE ION'
5 non-polymer 1,2-ETHANEDIOL
6 water water
#
_entity_poly.entity_id   1
_entity_poly.type   'polypeptide(L)'
_entity_poly.pdbx_seq_one_letter_code
;MGSSHHHHHHSSGLVPRGSHMAPLSSFQVVECKTIDGIIIRGRFYAVDGKGPAIIMTPGFNCVKEMLLPDIAETFQSQGF
NTYIYDPRSIGDSDGSPKNLIDPLQQAEDLADIVTHISSLPSVDSSKITLWGMSFGGTVSACAAAVDRRVKALVMVCPIL
SFYQAEKRDKAFLQLIRDRQSQLRGNEPFMLPPFNSKGENPIGMAGSGGPGGIEAYGFMGAVIDRGAPNFRNKIALQTYQ
KLAWWQPKEILKLVDKTPVLMVTPELDTMSPPEEQKAAFELFPQTKKFLEAKGKGHLTVLSGEGSVEVVDAMTEFIRENV
AG
;
_entity_poly.pdbx_strand_id   D,A
#
loop_
_chem_comp.id
_chem_comp.type
_chem_comp.name
_chem_comp.formula
CL non-polymer 'CHLORIDE ION' 'Cl -1'
EDO non-polymer 1,2-ETHANEDIOL 'C2 H6 O2'
GOL non-polymer GLYCEROL 'C3 H8 O3'
NA non-polymer 'SODIUM ION' 'Na 1'
#
# COMPACT_ATOMS: atom_id res chain seq x y z
N SER A 26 34.08 11.01 -9.62
CA SER A 26 33.24 11.15 -10.80
C SER A 26 32.13 10.11 -10.80
N PHE A 27 31.12 10.35 -11.64
CA PHE A 27 29.93 9.50 -11.68
C PHE A 27 29.52 9.31 -13.12
N GLN A 28 28.82 8.21 -13.37
CA GLN A 28 28.19 7.91 -14.65
C GLN A 28 26.68 7.80 -14.44
N VAL A 29 25.92 8.10 -15.50
CA VAL A 29 24.48 7.92 -15.44
C VAL A 29 24.19 6.43 -15.54
N VAL A 30 23.38 5.91 -14.63
CA VAL A 30 23.01 4.50 -14.64
C VAL A 30 21.49 4.42 -14.51
N GLU A 31 20.87 3.64 -15.39
CA GLU A 31 19.42 3.47 -15.45
C GLU A 31 19.06 2.06 -15.02
N CYS A 32 17.98 1.92 -14.24
CA CYS A 32 17.49 0.63 -13.79
C CYS A 32 16.04 0.48 -14.25
N LYS A 33 15.71 -0.67 -14.84
CA LYS A 33 14.36 -0.95 -15.31
C LYS A 33 13.56 -1.61 -14.20
N THR A 34 12.27 -1.29 -14.14
CA THR A 34 11.35 -1.89 -13.18
C THR A 34 10.53 -2.97 -13.88
N ILE A 35 9.83 -3.79 -13.09
CA ILE A 35 9.07 -4.86 -13.72
C ILE A 35 7.93 -4.33 -14.60
N ASP A 36 7.43 -3.13 -14.35
CA ASP A 36 6.41 -2.57 -15.25
C ASP A 36 7.00 -1.75 -16.39
N GLY A 37 8.32 -1.72 -16.53
CA GLY A 37 8.93 -1.09 -17.70
C GLY A 37 9.34 0.37 -17.54
N ILE A 38 9.19 0.94 -16.37
CA ILE A 38 9.61 2.31 -16.08
C ILE A 38 11.13 2.33 -15.91
N ILE A 39 11.78 3.42 -16.32
CA ILE A 39 13.21 3.59 -16.15
C ILE A 39 13.48 4.52 -14.98
N ILE A 40 14.23 4.03 -13.99
CA ILE A 40 14.74 4.86 -12.90
C ILE A 40 16.14 5.34 -13.30
N ARG A 41 16.43 6.63 -13.11
CA ARG A 41 17.70 7.21 -13.50
C ARG A 41 18.44 7.76 -12.29
N GLY A 42 19.76 7.60 -12.29
CA GLY A 42 20.56 8.10 -11.18
C GLY A 42 22.04 8.22 -11.52
N ARG A 43 22.79 8.70 -10.53
CA ARG A 43 24.24 8.83 -10.62
C ARG A 43 24.90 7.64 -9.95
N PHE A 44 25.81 6.97 -10.65
CA PHE A 44 26.56 5.85 -10.11
C PHE A 44 28.01 6.28 -9.94
N TYR A 45 28.47 6.28 -8.70
CA TYR A 45 29.85 6.63 -8.35
C TYR A 45 30.61 5.31 -8.16
N ALA A 46 31.35 4.90 -9.18
CA ALA A 46 32.01 3.59 -9.20
C ALA A 46 33.33 3.62 -8.45
N VAL A 47 33.75 2.46 -7.97
CA VAL A 47 35.09 2.29 -7.43
C VAL A 47 35.85 1.34 -8.34
N ASP A 48 37.18 1.41 -8.25
CA ASP A 48 38.01 0.52 -9.03
C ASP A 48 37.90 -0.90 -8.48
N GLY A 49 38.03 -1.88 -9.38
CA GLY A 49 37.95 -3.26 -8.94
C GLY A 49 36.53 -3.66 -8.67
N LYS A 50 36.32 -4.38 -7.58
CA LYS A 50 34.98 -4.83 -7.18
C LYS A 50 34.83 -4.54 -5.70
N GLY A 51 33.72 -3.93 -5.31
CA GLY A 51 33.51 -3.54 -3.94
C GLY A 51 32.04 -3.41 -3.57
N PRO A 52 31.78 -3.09 -2.30
CA PRO A 52 30.39 -2.95 -1.84
C PRO A 52 29.69 -1.80 -2.54
N ALA A 53 28.36 -1.78 -2.41
CA ALA A 53 27.55 -0.73 -3.03
C ALA A 53 26.54 -0.20 -2.03
N ILE A 54 26.36 1.11 -2.01
CA ILE A 54 25.36 1.78 -1.19
C ILE A 54 24.37 2.45 -2.12
N ILE A 55 23.09 2.08 -2.01
CA ILE A 55 22.02 2.69 -2.81
C ILE A 55 21.30 3.70 -1.94
N MET A 56 21.33 4.97 -2.34
CA MET A 56 20.82 6.08 -1.54
C MET A 56 19.48 6.57 -2.10
N THR A 57 18.44 6.56 -1.27
CA THR A 57 17.12 7.05 -1.66
C THR A 57 16.90 8.45 -1.07
N PRO A 58 16.59 9.45 -1.89
CA PRO A 58 16.35 10.80 -1.36
C PRO A 58 15.03 10.90 -0.60
N GLY A 59 14.85 12.06 0.02
CA GLY A 59 13.65 12.37 0.77
C GLY A 59 12.46 12.72 -0.11
N PHE A 60 11.41 13.21 0.56
CA PHE A 60 10.08 13.39 -0.01
C PHE A 60 10.10 14.39 -1.16
N ASN A 61 9.86 13.91 -2.38
CA ASN A 61 9.86 14.72 -3.60
C ASN A 61 11.22 15.32 -3.92
N CYS A 62 12.28 14.87 -3.26
CA CYS A 62 13.61 15.41 -3.51
C CYS A 62 14.28 14.72 -4.69
N VAL A 63 15.20 15.45 -5.34
CA VAL A 63 15.95 14.91 -6.45
C VAL A 63 17.35 14.55 -5.96
N LYS A 64 18.01 13.67 -6.72
CA LYS A 64 19.29 13.10 -6.31
C LYS A 64 20.37 14.15 -6.15
N GLU A 65 20.23 15.32 -6.80
CA GLU A 65 21.24 16.36 -6.75
C GLU A 65 21.23 17.15 -5.45
N MET A 66 20.19 17.03 -4.64
CA MET A 66 20.10 17.77 -3.39
C MET A 66 20.88 17.04 -2.32
N LEU A 67 21.99 17.66 -1.85
CA LEU A 67 22.77 17.24 -0.67
C LEU A 67 23.52 15.92 -0.85
N LEU A 68 22.87 14.92 -1.42
CA LEU A 68 23.46 13.58 -1.46
C LEU A 68 24.76 13.47 -2.27
N PRO A 69 25.01 14.23 -3.34
CA PRO A 69 26.28 14.04 -4.06
C PRO A 69 27.49 14.19 -3.16
N ASP A 70 27.46 15.13 -2.22
CA ASP A 70 28.57 15.28 -1.28
C ASP A 70 28.82 14.01 -0.49
N ILE A 71 27.74 13.37 -0.01
CA ILE A 71 27.87 12.12 0.74
C ILE A 71 28.38 11.00 -0.17
N ALA A 72 27.88 10.94 -1.41
CA ALA A 72 28.28 9.87 -2.32
C ALA A 72 29.77 9.96 -2.67
N GLU A 73 30.28 11.17 -2.87
CA GLU A 73 31.70 11.34 -3.14
C GLU A 73 32.56 10.79 -2.01
N THR A 74 32.16 11.05 -0.76
CA THR A 74 32.88 10.50 0.39
C THR A 74 32.79 8.98 0.40
N PHE A 75 31.58 8.45 0.21
CA PHE A 75 31.43 7.00 0.14
C PHE A 75 32.34 6.40 -0.93
N GLN A 76 32.34 7.02 -2.11
CA GLN A 76 33.18 6.53 -3.20
C GLN A 76 34.65 6.57 -2.84
N SER A 77 35.11 7.63 -2.18
CA SER A 77 36.52 7.73 -1.83
C SER A 77 36.91 6.74 -0.74
N GLN A 78 35.95 6.20 0.00
CA GLN A 78 36.23 5.18 0.99
C GLN A 78 35.97 3.77 0.46
N GLY A 79 35.78 3.62 -0.84
CA GLY A 79 35.69 2.31 -1.45
C GLY A 79 34.29 1.77 -1.68
N PHE A 80 33.26 2.60 -1.60
CA PHE A 80 31.87 2.16 -1.78
C PHE A 80 31.33 2.68 -3.10
N ASN A 81 31.01 1.77 -4.03
CA ASN A 81 30.11 2.14 -5.12
C ASN A 81 28.88 2.80 -4.50
N THR A 82 28.46 3.93 -5.06
CA THR A 82 27.29 4.64 -4.55
C THR A 82 26.36 5.01 -5.69
N TYR A 83 25.08 4.70 -5.54
CA TYR A 83 24.04 5.04 -6.51
C TYR A 83 23.04 5.97 -5.84
N ILE A 84 22.96 7.21 -6.31
N ILE A 84 22.91 7.19 -6.35
CA ILE A 84 21.88 8.12 -5.95
CA ILE A 84 21.87 8.12 -5.94
C ILE A 84 20.93 8.19 -7.14
C ILE A 84 20.92 8.31 -7.12
N TYR A 85 19.63 8.09 -6.89
CA TYR A 85 18.67 8.03 -7.98
C TYR A 85 17.46 8.89 -7.68
N ASP A 86 16.78 9.31 -8.75
CA ASP A 86 15.48 9.97 -8.65
C ASP A 86 14.40 8.90 -8.58
N PRO A 87 13.61 8.85 -7.52
CA PRO A 87 12.55 7.83 -7.46
C PRO A 87 11.52 8.02 -8.56
N ARG A 88 10.67 7.00 -8.70
CA ARG A 88 9.61 7.00 -9.70
C ARG A 88 8.81 8.31 -9.71
N SER A 89 8.62 8.86 -10.92
CA SER A 89 7.83 10.06 -11.25
C SER A 89 8.48 11.35 -10.78
N ILE A 90 9.75 11.31 -10.36
CA ILE A 90 10.47 12.45 -9.82
C ILE A 90 11.71 12.71 -10.69
N GLY A 91 12.01 13.99 -10.93
CA GLY A 91 13.29 14.35 -11.50
C GLY A 91 13.47 13.72 -12.87
N ASP A 92 14.61 13.05 -13.05
CA ASP A 92 14.99 12.49 -14.34
C ASP A 92 14.28 11.17 -14.64
N SER A 93 13.58 10.57 -13.68
CA SER A 93 13.08 9.21 -13.85
C SER A 93 11.71 9.18 -14.49
N ASP A 94 11.44 8.06 -15.17
CA ASP A 94 10.09 7.77 -15.66
C ASP A 94 9.09 7.75 -14.51
N GLY A 95 7.81 7.82 -14.87
CA GLY A 95 6.75 7.61 -13.90
C GLY A 95 5.65 8.63 -14.06
N SER A 96 4.41 8.17 -14.19
CA SER A 96 3.26 9.05 -14.40
C SER A 96 2.08 8.53 -13.57
N PRO A 97 1.30 9.42 -12.93
CA PRO A 97 1.47 10.87 -12.98
C PRO A 97 2.74 11.38 -12.28
N LYS A 98 3.19 12.56 -12.69
CA LYS A 98 4.44 13.12 -12.20
C LYS A 98 4.31 13.50 -10.73
N ASN A 99 5.38 13.27 -9.97
CA ASN A 99 5.45 13.61 -8.55
C ASN A 99 4.26 13.06 -7.77
N LEU A 100 3.88 11.83 -8.10
CA LEU A 100 2.93 11.06 -7.29
C LEU A 100 3.78 10.14 -6.41
N ILE A 101 3.90 10.46 -5.14
N ILE A 101 3.93 10.52 -5.15
CA ILE A 101 4.85 9.76 -4.27
CA ILE A 101 4.77 9.78 -4.21
C ILE A 101 4.12 8.61 -3.58
C ILE A 101 3.97 8.60 -3.69
N ASP A 102 4.39 7.39 -4.05
CA ASP A 102 3.80 6.17 -3.51
C ASP A 102 4.93 5.44 -2.81
N PRO A 103 5.04 5.53 -1.48
CA PRO A 103 6.19 4.93 -0.80
C PRO A 103 6.29 3.45 -1.00
N LEU A 104 5.15 2.75 -1.10
CA LEU A 104 5.21 1.30 -1.32
C LEU A 104 5.69 0.97 -2.73
N GLN A 105 5.37 1.80 -3.73
CA GLN A 105 5.93 1.58 -5.05
C GLN A 105 7.42 1.86 -5.07
N GLN A 106 7.85 2.92 -4.36
CA GLN A 106 9.28 3.19 -4.23
C GLN A 106 10.01 2.02 -3.57
N ALA A 107 9.37 1.41 -2.57
CA ALA A 107 9.97 0.24 -1.91
C ALA A 107 10.15 -0.92 -2.89
N GLU A 108 9.12 -1.21 -3.69
CA GLU A 108 9.26 -2.30 -4.66
C GLU A 108 10.26 -1.94 -5.76
N ASP A 109 10.25 -0.68 -6.21
CA ASP A 109 11.24 -0.24 -7.20
C ASP A 109 12.65 -0.51 -6.73
N LEU A 110 12.89 -0.37 -5.41
CA LEU A 110 14.23 -0.60 -4.85
C LEU A 110 14.69 -2.04 -5.04
N ALA A 111 13.77 -3.02 -4.99
CA ALA A 111 14.16 -4.39 -5.34
C ALA A 111 14.72 -4.45 -6.76
N ASP A 112 14.09 -3.74 -7.70
CA ASP A 112 14.55 -3.77 -9.08
C ASP A 112 15.83 -2.97 -9.25
N ILE A 113 15.98 -1.86 -8.52
CA ILE A 113 17.25 -1.15 -8.50
C ILE A 113 18.37 -2.04 -7.96
N VAL A 114 18.10 -2.75 -6.86
CA VAL A 114 19.11 -3.67 -6.31
C VAL A 114 19.52 -4.70 -7.36
N THR A 115 18.54 -5.21 -8.12
CA THR A 115 18.85 -6.20 -9.16
C THR A 115 19.83 -5.62 -10.18
N HIS A 116 19.58 -4.40 -10.66
CA HIS A 116 20.46 -3.89 -11.71
C HIS A 116 21.81 -3.46 -11.15
N ILE A 117 21.83 -2.78 -10.00
CA ILE A 117 23.11 -2.35 -9.41
C ILE A 117 23.99 -3.55 -9.08
N SER A 118 23.38 -4.62 -8.55
CA SER A 118 24.12 -5.84 -8.24
C SER A 118 24.73 -6.48 -9.49
N SER A 119 24.19 -6.19 -10.67
CA SER A 119 24.72 -6.77 -11.90
C SER A 119 25.93 -6.02 -12.45
N LEU A 120 26.26 -4.85 -11.91
CA LEU A 120 27.30 -4.02 -12.52
C LEU A 120 28.69 -4.62 -12.24
N PRO A 121 29.67 -4.33 -13.11
CA PRO A 121 30.98 -5.01 -12.99
C PRO A 121 31.75 -4.70 -11.72
N SER A 122 31.63 -3.49 -11.19
CA SER A 122 32.37 -3.08 -10.01
C SER A 122 31.66 -3.40 -8.70
N VAL A 123 30.48 -4.02 -8.75
CA VAL A 123 29.63 -4.17 -7.56
C VAL A 123 29.73 -5.59 -7.06
N ASP A 124 29.97 -5.74 -5.76
CA ASP A 124 29.91 -7.02 -5.07
C ASP A 124 28.47 -7.27 -4.66
N SER A 125 27.79 -8.16 -5.37
CA SER A 125 26.37 -8.43 -5.11
C SER A 125 26.11 -8.98 -3.71
N SER A 126 27.16 -9.38 -2.98
CA SER A 126 27.00 -9.87 -1.63
C SER A 126 27.17 -8.77 -0.58
N LYS A 127 27.38 -7.52 -0.99
CA LYS A 127 27.65 -6.44 -0.06
C LYS A 127 26.81 -5.20 -0.44
N ILE A 128 25.48 -5.38 -0.53
CA ILE A 128 24.56 -4.28 -0.87
C ILE A 128 24.01 -3.68 0.42
N THR A 129 24.06 -2.34 0.52
CA THR A 129 23.50 -1.58 1.63
C THR A 129 22.46 -0.60 1.08
N LEU A 130 21.34 -0.45 1.80
CA LEU A 130 20.34 0.56 1.48
C LEU A 130 20.45 1.72 2.48
N TRP A 131 20.47 2.93 1.93
CA TRP A 131 20.67 4.17 2.66
C TRP A 131 19.55 5.11 2.26
N GLY A 132 18.94 5.77 3.23
CA GLY A 132 17.83 6.66 2.90
C GLY A 132 17.79 7.83 3.86
N MET A 133 17.40 8.99 3.34
CA MET A 133 17.24 10.19 4.14
C MET A 133 15.78 10.58 4.21
N SER A 134 15.32 10.91 5.43
CA SER A 134 13.97 11.45 5.64
C SER A 134 12.97 10.38 5.19
N PHE A 135 11.94 10.74 4.42
CA PHE A 135 11.02 9.82 3.76
C PHE A 135 11.75 8.64 3.11
N GLY A 136 12.90 8.91 2.48
CA GLY A 136 13.64 7.84 1.82
C GLY A 136 14.24 6.81 2.76
N GLY A 137 14.56 7.21 3.98
CA GLY A 137 14.99 6.22 4.97
C GLY A 137 13.89 5.25 5.33
N THR A 138 12.67 5.75 5.45
CA THR A 138 11.53 4.89 5.77
C THR A 138 11.22 3.97 4.60
N VAL A 139 11.27 4.50 3.37
CA VAL A 139 11.08 3.69 2.17
C VAL A 139 12.13 2.58 2.12
N SER A 140 13.39 2.93 2.43
CA SER A 140 14.46 1.95 2.37
C SER A 140 14.23 0.81 3.36
N ALA A 141 13.69 1.12 4.53
CA ALA A 141 13.40 0.08 5.51
C ALA A 141 12.38 -0.92 4.98
N CYS A 142 11.34 -0.42 4.30
CA CYS A 142 10.33 -1.30 3.73
C CYS A 142 10.94 -2.23 2.68
N ALA A 143 11.83 -1.69 1.84
CA ALA A 143 12.51 -2.54 0.87
C ALA A 143 13.38 -3.57 1.57
N ALA A 144 14.08 -3.16 2.64
CA ALA A 144 14.93 -4.09 3.37
C ALA A 144 14.12 -5.22 3.99
N ALA A 145 12.89 -4.93 4.41
CA ALA A 145 12.05 -5.94 5.06
C ALA A 145 11.90 -7.19 4.18
N VAL A 146 11.78 -7.03 2.86
CA VAL A 146 11.44 -8.17 2.01
C VAL A 146 12.63 -8.73 1.24
N ASP A 147 13.81 -8.10 1.32
CA ASP A 147 14.89 -8.38 0.37
C ASP A 147 16.14 -8.75 1.15
N ARG A 148 16.46 -10.04 1.21
CA ARG A 148 17.63 -10.45 1.99
C ARG A 148 18.94 -10.05 1.32
N ARG A 149 18.90 -9.59 0.08
CA ARG A 149 20.12 -9.07 -0.53
C ARG A 149 20.60 -7.80 0.16
N VAL A 150 19.70 -7.11 0.84
CA VAL A 150 20.05 -5.89 1.57
C VAL A 150 20.72 -6.31 2.87
N LYS A 151 22.01 -6.03 3.00
CA LYS A 151 22.82 -6.50 4.12
C LYS A 151 22.95 -5.50 5.24
N ALA A 152 22.54 -4.26 5.02
CA ALA A 152 22.52 -3.25 6.07
C ALA A 152 21.57 -2.14 5.65
N LEU A 153 21.06 -1.42 6.63
CA LEU A 153 20.07 -0.38 6.44
C LEU A 153 20.53 0.85 7.23
N VAL A 154 20.67 1.98 6.55
CA VAL A 154 21.00 3.24 7.18
C VAL A 154 19.84 4.18 6.96
N MET A 155 19.22 4.64 8.06
N MET A 155 19.22 4.61 8.06
CA MET A 155 18.09 5.55 8.01
CA MET A 155 18.11 5.55 8.01
C MET A 155 18.47 6.86 8.66
C MET A 155 18.55 6.86 8.65
N VAL A 156 18.48 7.93 7.88
CA VAL A 156 18.76 9.27 8.38
C VAL A 156 17.44 10.00 8.53
N CYS A 157 17.16 10.49 9.75
CA CYS A 157 15.94 11.21 10.11
C CYS A 157 14.69 10.62 9.46
N PRO A 158 14.43 9.33 9.63
CA PRO A 158 13.23 8.74 9.01
C PRO A 158 11.95 9.42 9.50
N ILE A 159 11.00 9.60 8.58
CA ILE A 159 9.67 10.12 8.89
C ILE A 159 8.71 8.93 8.96
N LEU A 160 7.97 8.83 10.06
CA LEU A 160 7.17 7.64 10.34
C LEU A 160 5.68 7.90 10.49
N SER A 161 5.22 9.14 10.42
CA SER A 161 3.81 9.45 10.45
C SER A 161 3.58 10.69 9.60
N PHE A 162 2.32 10.90 9.20
CA PHE A 162 2.04 11.91 8.17
C PHE A 162 0.78 12.73 8.41
N TYR A 163 -0.27 12.10 8.93
CA TYR A 163 -1.55 12.76 9.12
C TYR A 163 -1.66 13.35 10.52
N GLN A 164 -2.13 14.59 10.61
CA GLN A 164 -2.67 15.12 11.86
C GLN A 164 -4.14 14.75 11.91
N ALA A 165 -4.58 14.16 13.02
CA ALA A 165 -5.91 13.57 13.06
C ALA A 165 -7.01 14.59 12.75
N GLU A 166 -6.83 15.84 13.16
CA GLU A 166 -7.87 16.83 12.96
C GLU A 166 -8.04 17.23 11.50
N LYS A 167 -7.05 16.96 10.66
CA LYS A 167 -7.07 17.28 9.24
C LYS A 167 -7.55 16.12 8.38
N ARG A 168 -7.67 14.93 8.96
CA ARG A 168 -7.88 13.71 8.18
C ARG A 168 -9.11 13.82 7.29
N ASP A 169 -10.28 14.07 7.89
CA ASP A 169 -11.52 13.94 7.12
C ASP A 169 -11.58 14.94 5.98
N LYS A 170 -11.09 16.16 6.20
CA LYS A 170 -11.11 17.16 5.13
C LYS A 170 -10.14 16.77 4.01
N ALA A 171 -8.95 16.26 4.35
CA ALA A 171 -8.04 15.76 3.33
C ALA A 171 -8.63 14.59 2.55
N PHE A 172 -9.27 13.64 3.25
CA PHE A 172 -9.92 12.52 2.55
C PHE A 172 -10.98 13.04 1.59
N LEU A 173 -11.76 14.03 2.03
CA LEU A 173 -12.79 14.60 1.14
C LEU A 173 -12.15 15.21 -0.10
N GLN A 174 -11.05 15.94 0.09
CA GLN A 174 -10.35 16.57 -1.03
C GLN A 174 -9.84 15.51 -2.01
N LEU A 175 -9.31 14.41 -1.47
CA LEU A 175 -8.86 13.31 -2.30
C LEU A 175 -10.01 12.75 -3.14
N ILE A 176 -11.17 12.49 -2.52
CA ILE A 176 -12.28 11.93 -3.29
C ILE A 176 -12.70 12.92 -4.39
N ARG A 177 -12.74 14.21 -4.06
CA ARG A 177 -13.12 15.21 -5.06
C ARG A 177 -12.11 15.27 -6.21
N ASP A 178 -10.82 15.10 -5.91
CA ASP A 178 -9.85 15.03 -7.00
C ASP A 178 -10.08 13.81 -7.90
N ARG A 179 -10.46 12.66 -7.32
CA ARG A 179 -10.82 11.51 -8.15
C ARG A 179 -12.00 11.85 -9.07
N GLN A 180 -13.03 12.48 -8.50
CA GLN A 180 -14.19 12.86 -9.30
C GLN A 180 -13.79 13.81 -10.43
N SER A 181 -12.93 14.77 -10.14
CA SER A 181 -12.42 15.68 -11.17
C SER A 181 -11.65 14.94 -12.24
N GLN A 182 -10.80 13.98 -11.85
CA GLN A 182 -10.04 13.20 -12.84
C GLN A 182 -10.97 12.39 -13.72
N LEU A 183 -12.01 11.78 -13.14
CA LEU A 183 -12.99 11.02 -13.92
C LEU A 183 -13.73 11.89 -14.92
N ARG A 184 -13.83 13.19 -14.68
CA ARG A 184 -14.40 14.12 -15.65
C ARG A 184 -13.45 14.48 -16.77
N GLY A 185 -12.21 13.99 -16.72
CA GLY A 185 -11.24 14.27 -17.75
C GLY A 185 -10.14 15.25 -17.39
N ASN A 186 -10.06 15.69 -16.14
CA ASN A 186 -9.03 16.62 -15.72
C ASN A 186 -7.78 15.90 -15.24
N GLU A 187 -6.64 16.57 -15.37
CA GLU A 187 -5.38 16.02 -14.86
C GLU A 187 -5.40 16.03 -13.33
N PRO A 188 -4.58 15.19 -12.71
CA PRO A 188 -4.51 15.16 -11.25
C PRO A 188 -4.19 16.53 -10.64
N PHE A 189 -4.85 16.85 -9.55
CA PHE A 189 -4.58 18.10 -8.87
C PHE A 189 -3.16 18.08 -8.29
N MET A 190 -2.42 19.17 -8.51
CA MET A 190 -1.06 19.34 -8.01
C MET A 190 -1.01 20.47 -6.99
N LEU A 191 -0.07 20.37 -6.06
CA LEU A 191 0.14 21.43 -5.07
C LEU A 191 1.58 21.36 -4.59
N PRO A 192 2.14 22.48 -4.12
CA PRO A 192 3.42 22.42 -3.43
C PRO A 192 3.28 21.59 -2.17
N PRO A 193 4.26 20.73 -1.86
CA PRO A 193 4.17 19.94 -0.61
C PRO A 193 4.14 20.80 0.64
N PHE A 194 4.60 22.04 0.57
CA PHE A 194 4.56 22.98 1.68
C PHE A 194 4.27 24.37 1.12
N ASN A 195 3.18 24.99 1.60
CA ASN A 195 2.87 26.34 1.16
C ASN A 195 3.65 27.35 2.00
N SER A 196 3.47 28.64 1.70
CA SER A 196 4.23 29.69 2.37
C SER A 196 3.98 29.74 3.87
N LYS A 197 2.84 29.24 4.35
CA LYS A 197 2.69 29.10 5.79
C LYS A 197 3.35 27.85 6.33
N GLY A 198 4.06 27.10 5.48
CA GLY A 198 4.64 25.82 5.86
C GLY A 198 3.66 24.68 5.97
N GLU A 199 2.43 24.86 5.48
CA GLU A 199 1.36 23.91 5.74
C GLU A 199 1.07 23.07 4.51
N ASN A 200 0.33 21.99 4.74
CA ASN A 200 -0.17 21.15 3.67
C ASN A 200 -1.43 20.47 4.17
N PRO A 201 -2.23 19.87 3.26
CA PRO A 201 -3.58 19.44 3.65
C PRO A 201 -3.63 18.36 4.71
N ILE A 202 -2.61 17.51 4.85
CA ILE A 202 -2.71 16.43 5.84
C ILE A 202 -1.93 16.75 7.10
N GLY A 203 -1.15 17.82 7.13
CA GLY A 203 -0.38 18.17 8.31
C GLY A 203 0.92 17.42 8.48
N MET A 204 1.60 17.06 7.39
CA MET A 204 2.79 16.22 7.52
C MET A 204 4.05 17.07 7.68
N ALA A 205 5.05 16.46 8.32
CA ALA A 205 6.44 16.95 8.26
C ALA A 205 6.59 18.37 8.79
N GLY A 206 5.93 18.66 9.90
CA GLY A 206 6.08 19.95 10.54
C GLY A 206 5.05 20.99 10.16
N SER A 207 4.02 20.59 9.40
CA SER A 207 3.00 21.51 8.94
C SER A 207 2.33 22.22 10.11
N GLY A 208 2.28 23.55 10.04
CA GLY A 208 1.77 24.34 11.13
C GLY A 208 2.81 24.79 12.12
N GLY A 209 4.03 24.26 12.04
CA GLY A 209 5.08 24.63 12.95
C GLY A 209 6.31 25.10 12.21
N PRO A 210 7.40 25.25 12.96
CA PRO A 210 8.66 25.74 12.34
C PRO A 210 9.16 24.80 11.25
N GLY A 211 9.00 23.49 11.45
CA GLY A 211 9.49 22.55 10.45
C GLY A 211 8.88 22.79 9.09
N GLY A 212 7.57 23.01 9.05
CA GLY A 212 6.92 23.22 7.76
C GLY A 212 7.43 24.46 7.06
N ILE A 213 7.66 25.54 7.82
CA ILE A 213 8.20 26.76 7.21
C ILE A 213 9.61 26.51 6.69
N GLU A 214 10.42 25.76 7.44
CA GLU A 214 11.75 25.45 6.96
C GLU A 214 11.71 24.58 5.72
N ALA A 215 10.76 23.64 5.65
CA ALA A 215 10.62 22.81 4.45
C ALA A 215 10.18 23.66 3.27
N TYR A 216 9.22 24.55 3.49
CA TYR A 216 8.82 25.50 2.45
C TYR A 216 10.03 26.24 1.89
N GLY A 217 10.86 26.83 2.75
CA GLY A 217 12.02 27.55 2.27
CA GLY A 217 12.02 27.55 2.27
C GLY A 217 13.01 26.66 1.55
N PHE A 218 13.22 25.45 2.07
CA PHE A 218 14.13 24.51 1.45
C PHE A 218 13.66 24.11 0.06
N MET A 219 12.37 23.81 -0.09
CA MET A 219 11.84 23.40 -1.39
C MET A 219 11.82 24.57 -2.37
N GLY A 220 11.53 25.78 -1.88
CA GLY A 220 11.48 26.96 -2.72
C GLY A 220 12.83 27.58 -2.99
N ALA A 221 13.85 27.18 -2.25
CA ALA A 221 15.21 27.67 -2.44
C ALA A 221 16.08 26.68 -3.21
N VAL A 222 15.49 25.65 -3.82
CA VAL A 222 16.16 24.90 -4.88
C VAL A 222 15.97 25.73 -6.14
N ILE A 223 15.94 27.06 -5.95
CA ILE A 223 16.08 28.07 -6.98
C ILE A 223 17.57 28.24 -7.25
N ASP A 224 18.19 27.21 -7.82
CA ASP A 224 19.61 27.14 -8.14
C ASP A 224 19.84 25.90 -9.00
N ARG A 225 20.91 25.93 -9.79
CA ARG A 225 21.13 24.87 -10.76
C ARG A 225 21.50 23.56 -10.05
N GLY A 226 21.70 22.53 -10.87
CA GLY A 226 21.89 21.17 -10.43
C GLY A 226 20.94 20.23 -11.13
N ALA A 227 19.66 20.58 -11.15
CA ALA A 227 18.59 19.62 -11.48
C ALA A 227 17.49 20.28 -12.29
N PRO A 228 17.53 20.18 -13.63
CA PRO A 228 16.46 20.79 -14.46
C PRO A 228 15.09 20.19 -14.20
N ASN A 229 15.02 18.97 -13.66
CA ASN A 229 13.74 18.28 -13.55
C ASN A 229 13.21 18.25 -12.11
N PHE A 230 13.84 18.99 -11.19
CA PHE A 230 13.21 19.24 -9.90
C PHE A 230 11.94 20.04 -10.08
N ARG A 231 10.85 19.60 -9.45
CA ARG A 231 9.56 20.26 -9.57
C ARG A 231 8.98 20.41 -8.18
N ASN A 232 8.70 21.64 -7.76
CA ASN A 232 8.25 21.89 -6.38
C ASN A 232 6.73 21.71 -6.28
N LYS A 233 6.28 20.51 -6.65
CA LYS A 233 4.87 20.19 -6.63
C LYS A 233 4.72 18.69 -6.47
N ILE A 234 3.62 18.26 -5.85
CA ILE A 234 3.27 16.84 -5.80
C ILE A 234 1.82 16.67 -6.25
N ALA A 235 1.51 15.47 -6.72
CA ALA A 235 0.12 15.10 -6.91
C ALA A 235 -0.58 14.96 -5.56
N LEU A 236 -1.76 15.57 -5.44
CA LEU A 236 -2.55 15.40 -4.21
C LEU A 236 -2.76 13.92 -3.87
N GLN A 237 -2.88 13.05 -4.88
CA GLN A 237 -3.14 11.64 -4.62
C GLN A 237 -2.02 10.98 -3.82
N THR A 238 -0.84 11.62 -3.74
CA THR A 238 0.21 11.23 -2.81
C THR A 238 -0.39 10.98 -1.44
N TYR A 239 -1.30 11.87 -1.01
CA TYR A 239 -1.87 11.76 0.32
C TYR A 239 -2.73 10.51 0.47
N GLN A 240 -3.32 10.02 -0.62
CA GLN A 240 -4.01 8.74 -0.57
C GLN A 240 -3.03 7.60 -0.29
N LYS A 241 -1.89 7.59 -0.97
CA LYS A 241 -0.87 6.57 -0.72
C LYS A 241 -0.38 6.65 0.72
N LEU A 242 -0.20 7.86 1.23
CA LEU A 242 0.27 8.01 2.61
C LEU A 242 -0.79 7.58 3.61
N ALA A 243 -2.08 7.67 3.24
CA ALA A 243 -3.13 7.22 4.16
C ALA A 243 -3.05 5.71 4.36
N TRP A 244 -2.74 4.97 3.29
CA TRP A 244 -2.66 3.52 3.34
C TRP A 244 -1.43 3.04 4.08
N TRP A 245 -0.32 3.77 3.95
CA TRP A 245 0.99 3.32 4.41
C TRP A 245 1.01 3.24 5.94
N GLN A 246 1.46 2.10 6.45
CA GLN A 246 1.65 1.89 7.88
C GLN A 246 3.10 1.51 8.15
N PRO A 247 4.04 2.44 8.00
CA PRO A 247 5.47 2.06 8.01
C PRO A 247 5.95 1.55 9.35
N LYS A 248 5.39 2.05 10.47
CA LYS A 248 5.77 1.50 11.77
C LYS A 248 5.50 0.00 11.82
N GLU A 249 4.45 -0.47 11.15
CA GLU A 249 4.18 -1.90 11.12
C GLU A 249 5.17 -2.63 10.23
N ILE A 250 5.51 -2.04 9.08
CA ILE A 250 6.44 -2.69 8.16
C ILE A 250 7.84 -2.75 8.77
N LEU A 251 8.23 -1.72 9.52
CA LEU A 251 9.54 -1.72 10.14
C LEU A 251 9.70 -2.88 11.11
N LYS A 252 8.59 -3.39 11.66
CA LYS A 252 8.67 -4.52 12.57
C LYS A 252 9.08 -5.81 11.85
N LEU A 253 8.87 -5.87 10.53
CA LEU A 253 9.36 -7.00 9.75
C LEU A 253 10.88 -6.94 9.57
N VAL A 254 11.50 -5.79 9.77
CA VAL A 254 12.95 -5.71 9.65
C VAL A 254 13.55 -6.20 10.97
N ASP A 255 13.76 -7.50 11.08
CA ASP A 255 14.21 -8.11 12.33
C ASP A 255 15.55 -8.81 12.20
N LYS A 256 16.22 -8.70 11.06
CA LYS A 256 17.53 -9.31 10.87
C LYS A 256 18.56 -8.32 10.31
N THR A 257 18.09 -7.35 9.56
CA THR A 257 19.00 -6.43 8.86
C THR A 257 19.69 -5.47 9.84
N PRO A 258 21.02 -5.49 9.94
CA PRO A 258 21.72 -4.50 10.77
C PRO A 258 21.32 -3.10 10.38
N VAL A 259 20.95 -2.29 11.37
CA VAL A 259 20.33 -0.99 11.09
C VAL A 259 21.04 0.09 11.88
N LEU A 260 21.42 1.16 11.19
CA LEU A 260 21.92 2.38 11.79
C LEU A 260 20.88 3.47 11.59
N MET A 261 20.46 4.11 12.67
CA MET A 261 19.59 5.27 12.59
C MET A 261 20.30 6.52 13.07
N VAL A 262 20.24 7.58 12.27
CA VAL A 262 20.78 8.88 12.61
C VAL A 262 19.61 9.84 12.79
N THR A 263 19.43 10.35 14.01
CA THR A 263 18.31 11.18 14.37
C THR A 263 18.79 12.57 14.77
N PRO A 264 18.23 13.64 14.20
CA PRO A 264 18.62 14.99 14.62
C PRO A 264 17.96 15.33 15.95
N GLU A 265 18.76 15.84 16.89
CA GLU A 265 18.23 16.21 18.20
C GLU A 265 17.05 17.16 18.07
N LEU A 266 17.16 18.15 17.19
CA LEU A 266 16.16 19.21 17.05
C LEU A 266 15.32 19.04 15.78
N ASP A 267 14.94 17.80 15.48
CA ASP A 267 14.13 17.53 14.30
C ASP A 267 12.73 18.10 14.50
N THR A 268 12.40 19.17 13.77
CA THR A 268 11.06 19.76 13.82
C THR A 268 10.12 19.20 12.76
N MET A 269 10.58 18.26 11.92
CA MET A 269 9.72 17.64 10.91
C MET A 269 9.36 16.19 11.20
N SER A 270 10.27 15.43 11.79
CA SER A 270 9.97 14.07 12.24
C SER A 270 10.30 13.99 13.72
N PRO A 271 9.32 13.87 14.60
CA PRO A 271 9.59 13.88 16.05
C PRO A 271 10.67 12.89 16.43
N PRO A 272 11.76 13.37 17.04
CA PRO A 272 12.82 12.44 17.49
C PRO A 272 12.31 11.29 18.34
N GLU A 273 11.32 11.51 19.21
CA GLU A 273 10.86 10.39 20.02
C GLU A 273 10.12 9.35 19.18
N GLU A 274 9.53 9.75 18.05
CA GLU A 274 8.95 8.78 17.13
C GLU A 274 10.04 7.94 16.47
N GLN A 275 11.14 8.58 16.08
CA GLN A 275 12.26 7.85 15.52
C GLN A 275 12.85 6.89 16.55
N LYS A 276 13.06 7.38 17.78
CA LYS A 276 13.61 6.54 18.85
C LYS A 276 12.69 5.36 19.16
N ALA A 277 11.38 5.59 19.18
CA ALA A 277 10.45 4.51 19.49
C ALA A 277 10.57 3.37 18.48
N ALA A 278 10.70 3.70 17.20
CA ALA A 278 10.90 2.65 16.20
C ALA A 278 12.24 1.97 16.40
N PHE A 279 13.30 2.74 16.64
CA PHE A 279 14.63 2.16 16.81
C PHE A 279 14.66 1.18 17.97
N GLU A 280 13.99 1.51 19.08
CA GLU A 280 14.02 0.66 20.26
C GLU A 280 13.46 -0.73 19.96
N LEU A 281 12.55 -0.85 18.99
CA LEU A 281 11.91 -2.13 18.72
C LEU A 281 12.82 -3.12 18.00
N PHE A 282 13.83 -2.65 17.27
CA PHE A 282 14.64 -3.55 16.47
C PHE A 282 15.35 -4.57 17.36
N PRO A 283 15.21 -5.89 17.10
CA PRO A 283 15.89 -6.88 17.93
C PRO A 283 17.31 -7.18 17.48
N GLN A 284 17.65 -6.86 16.22
CA GLN A 284 18.90 -7.29 15.63
C GLN A 284 20.04 -6.32 15.97
N THR A 285 21.21 -6.57 15.39
CA THR A 285 22.34 -5.63 15.47
C THR A 285 21.93 -4.24 15.02
N LYS A 286 22.24 -3.23 15.82
CA LYS A 286 21.76 -1.89 15.51
C LYS A 286 22.63 -0.84 16.19
N LYS A 287 22.54 0.39 15.69
CA LYS A 287 23.31 1.51 16.22
C LYS A 287 22.48 2.77 16.08
N PHE A 288 22.47 3.59 17.14
CA PHE A 288 21.76 4.86 17.15
C PHE A 288 22.76 6.01 17.28
N LEU A 289 22.56 7.05 16.45
CA LEU A 289 23.38 8.26 16.50
C LEU A 289 22.47 9.47 16.58
N GLU A 290 22.64 10.28 17.63
CA GLU A 290 21.93 11.55 17.74
C GLU A 290 22.85 12.66 17.28
N ALA A 291 22.38 13.48 16.33
CA ALA A 291 23.15 14.61 15.83
C ALA A 291 22.75 15.85 16.62
N LYS A 292 23.57 16.21 17.61
CA LYS A 292 23.21 17.29 18.54
C LYS A 292 23.04 18.60 17.81
N GLY A 293 22.03 19.37 18.23
CA GLY A 293 21.76 20.67 17.65
C GLY A 293 21.33 20.67 16.19
N LYS A 294 21.10 19.51 15.59
CA LYS A 294 20.76 19.45 14.17
C LYS A 294 19.25 19.31 13.98
N GLY A 295 18.79 19.77 12.81
CA GLY A 295 17.42 19.59 12.38
C GLY A 295 17.28 18.55 11.28
N HIS A 296 16.05 18.43 10.77
CA HIS A 296 15.75 17.42 9.76
C HIS A 296 16.60 17.60 8.50
N LEU A 297 16.87 18.85 8.10
CA LEU A 297 17.61 19.10 6.86
C LEU A 297 19.11 19.34 7.08
N THR A 298 19.52 19.66 8.31
CA THR A 298 20.92 19.96 8.60
C THR A 298 21.62 18.81 9.28
N VAL A 299 20.95 17.66 9.41
CA VAL A 299 21.53 16.54 10.16
C VAL A 299 22.84 16.08 9.53
N LEU A 300 23.00 16.26 8.21
CA LEU A 300 24.22 15.85 7.52
C LEU A 300 25.05 17.03 7.04
N SER A 301 24.87 18.21 7.62
CA SER A 301 25.57 19.41 7.18
C SER A 301 26.29 20.07 8.35
N GLY A 302 27.21 20.97 8.02
CA GLY A 302 27.85 21.72 9.09
C GLY A 302 28.80 20.84 9.89
N GLU A 303 29.13 21.33 11.07
CA GLU A 303 30.10 20.59 11.88
C GLU A 303 29.43 19.37 12.49
N GLY A 304 30.25 18.36 12.78
CA GLY A 304 29.77 17.05 13.13
C GLY A 304 29.43 16.17 11.95
N SER A 305 29.28 16.75 10.76
CA SER A 305 28.80 15.99 9.62
C SER A 305 29.86 15.01 9.12
N VAL A 306 31.12 15.42 9.12
CA VAL A 306 32.17 14.52 8.68
C VAL A 306 32.22 13.29 9.58
N GLU A 307 32.00 13.51 10.89
CA GLU A 307 32.01 12.41 11.85
C GLU A 307 30.80 11.50 11.68
N VAL A 308 29.66 12.08 11.31
CA VAL A 308 28.45 11.27 11.10
C VAL A 308 28.62 10.38 9.87
N VAL A 309 29.13 10.94 8.78
CA VAL A 309 29.37 10.12 7.58
C VAL A 309 30.39 9.03 7.87
N ASP A 310 31.47 9.35 8.57
CA ASP A 310 32.45 8.33 8.93
C ASP A 310 31.81 7.23 9.77
N ALA A 311 30.87 7.60 10.65
CA ALA A 311 30.18 6.61 11.45
C ALA A 311 29.35 5.67 10.58
N MET A 312 28.80 6.18 9.48
CA MET A 312 28.02 5.32 8.58
C MET A 312 28.92 4.29 7.90
N THR A 313 30.03 4.74 7.31
CA THR A 313 30.91 3.80 6.62
C THR A 313 31.52 2.80 7.57
N GLU A 314 31.78 3.20 8.82
CA GLU A 314 32.26 2.25 9.81
C GLU A 314 31.21 1.18 10.09
N PHE A 315 29.95 1.61 10.29
CA PHE A 315 28.88 0.64 10.55
C PHE A 315 28.70 -0.31 9.36
N ILE A 316 28.75 0.22 8.15
CA ILE A 316 28.60 -0.64 6.97
C ILE A 316 29.77 -1.60 6.86
N ARG A 317 31.00 -1.08 7.05
CA ARG A 317 32.18 -1.93 6.98
C ARG A 317 32.11 -3.08 7.97
N GLU A 318 31.64 -2.79 9.19
CA GLU A 318 31.62 -3.82 10.22
C GLU A 318 30.60 -4.90 9.91
N ASN A 319 29.44 -4.52 9.37
CA ASN A 319 28.31 -5.44 9.24
C ASN A 319 28.13 -6.02 7.84
N VAL A 320 28.71 -5.41 6.82
CA VAL A 320 28.57 -5.91 5.45
C VAL A 320 29.94 -6.39 4.97
N ALA A 321 30.35 -7.56 5.45
CA ALA A 321 31.71 -8.05 5.24
C ALA A 321 31.79 -9.23 4.28
N GLY A 322 30.73 -9.48 3.51
CA GLY A 322 30.73 -10.51 2.48
C GLY A 322 30.40 -11.90 2.99
N SER B 26 -33.11 -9.90 -14.63
N SER B 26 -34.12 -9.35 -12.75
CA SER B 26 -33.42 -8.90 -13.61
CA SER B 26 -33.56 -8.69 -13.91
C SER B 26 -32.23 -7.97 -13.34
C SER B 26 -32.40 -7.78 -13.54
N PHE B 27 -31.31 -7.87 -14.30
CA PHE B 27 -30.13 -7.02 -14.10
C PHE B 27 -29.60 -6.56 -15.46
N GLN B 28 -28.86 -5.46 -15.42
CA GLN B 28 -28.17 -4.92 -16.59
C GLN B 28 -26.67 -4.92 -16.32
N VAL B 29 -25.90 -5.07 -17.40
CA VAL B 29 -24.45 -4.92 -17.29
C VAL B 29 -24.11 -3.45 -17.14
N VAL B 30 -23.35 -3.11 -16.10
CA VAL B 30 -22.96 -1.72 -15.87
C VAL B 30 -21.45 -1.68 -15.70
N GLU B 31 -20.80 -0.80 -16.45
CA GLU B 31 -19.36 -0.65 -16.41
C GLU B 31 -19.01 0.66 -15.70
N CYS B 32 -17.91 0.62 -14.94
CA CYS B 32 -17.40 1.78 -14.21
C CYS B 32 -15.95 2.00 -14.62
N LYS B 33 -15.63 3.24 -14.99
CA LYS B 33 -14.25 3.59 -15.35
C LYS B 33 -13.51 4.11 -14.13
N THR B 34 -12.24 3.71 -14.00
CA THR B 34 -11.34 4.16 -12.95
C THR B 34 -10.55 5.36 -13.44
N ILE B 35 -9.87 6.04 -12.50
CA ILE B 35 -9.09 7.22 -12.87
C ILE B 35 -7.91 6.87 -13.76
N ASP B 36 -7.41 5.63 -13.72
CA ASP B 36 -6.34 5.27 -14.64
C ASP B 36 -6.84 4.64 -15.93
N GLY B 37 -8.16 4.65 -16.17
CA GLY B 37 -8.71 4.20 -17.44
C GLY B 37 -9.13 2.74 -17.53
N ILE B 38 -9.06 1.98 -16.43
CA ILE B 38 -9.50 0.59 -16.42
C ILE B 38 -11.03 0.55 -16.39
N ILE B 39 -11.62 -0.44 -17.06
CA ILE B 39 -13.06 -0.65 -17.01
C ILE B 39 -13.35 -1.81 -16.07
N ILE B 40 -14.14 -1.51 -15.03
CA ILE B 40 -14.69 -2.51 -14.12
C ILE B 40 -16.07 -2.90 -14.64
N ARG B 41 -16.35 -4.20 -14.69
CA ARG B 41 -17.62 -4.68 -15.22
C ARG B 41 -18.39 -5.42 -14.14
N GLY B 42 -19.70 -5.19 -14.09
CA GLY B 42 -20.53 -5.87 -13.11
C GLY B 42 -21.98 -5.88 -13.54
N ARG B 43 -22.81 -6.43 -12.66
CA ARG B 43 -24.26 -6.55 -12.85
C ARG B 43 -24.95 -5.55 -11.96
N PHE B 44 -25.89 -4.79 -12.52
CA PHE B 44 -26.66 -3.81 -11.79
C PHE B 44 -28.11 -4.26 -11.71
N TYR B 45 -28.57 -4.52 -10.50
CA TYR B 45 -29.96 -4.89 -10.21
C TYR B 45 -30.70 -3.61 -9.83
N ALA B 46 -31.41 -3.01 -10.78
CA ALA B 46 -32.05 -1.73 -10.53
C ALA B 46 -33.41 -1.92 -9.87
N VAL B 47 -33.90 -0.85 -9.25
CA VAL B 47 -35.25 -0.80 -8.70
C VAL B 47 -35.96 0.38 -9.35
N ASP B 48 -37.29 0.35 -9.27
CA ASP B 48 -38.08 1.42 -9.87
C ASP B 48 -37.90 2.71 -9.09
N GLY B 49 -38.04 3.83 -9.79
CA GLY B 49 -37.90 5.11 -9.12
C GLY B 49 -36.46 5.40 -8.78
N LYS B 50 -36.23 5.90 -7.58
CA LYS B 50 -34.93 6.36 -7.11
C LYS B 50 -34.76 5.85 -5.68
N GLY B 51 -33.80 4.94 -5.48
CA GLY B 51 -33.65 4.30 -4.19
C GLY B 51 -32.20 4.17 -3.77
N PRO B 52 -31.97 3.59 -2.60
CA PRO B 52 -30.60 3.37 -2.13
C PRO B 52 -29.88 2.34 -2.99
N ALA B 53 -28.57 2.26 -2.80
CA ALA B 53 -27.76 1.34 -3.58
C ALA B 53 -26.76 0.64 -2.67
N ILE B 54 -26.56 -0.65 -2.96
CA ILE B 54 -25.56 -1.48 -2.28
C ILE B 54 -24.56 -1.94 -3.34
N ILE B 55 -23.28 -1.69 -3.07
CA ILE B 55 -22.19 -2.14 -3.94
C ILE B 55 -21.50 -3.31 -3.27
N MET B 56 -21.50 -4.47 -3.92
CA MET B 56 -21.04 -5.73 -3.33
C MET B 56 -19.71 -6.13 -3.94
N THR B 57 -18.69 -6.27 -3.07
CA THR B 57 -17.34 -6.69 -3.49
C THR B 57 -17.12 -8.16 -3.18
N PRO B 58 -16.73 -8.98 -4.16
CA PRO B 58 -16.54 -10.43 -3.90
C PRO B 58 -15.29 -10.71 -3.07
N GLY B 59 -15.16 -11.98 -2.71
CA GLY B 59 -14.01 -12.45 -1.95
C GLY B 59 -12.76 -12.56 -2.81
N PHE B 60 -11.72 -13.12 -2.19
CA PHE B 60 -10.37 -13.21 -2.76
C PHE B 60 -10.37 -14.00 -4.06
N ASN B 61 -10.07 -13.32 -5.18
CA ASN B 61 -10.02 -13.89 -6.52
C ASN B 61 -11.39 -14.41 -7.00
N CYS B 62 -12.48 -14.01 -6.35
CA CYS B 62 -13.80 -14.49 -6.73
C CYS B 62 -14.43 -13.60 -7.79
N VAL B 63 -15.33 -14.19 -8.57
CA VAL B 63 -16.05 -13.47 -9.60
C VAL B 63 -17.46 -13.19 -9.10
N LYS B 64 -18.10 -12.19 -9.73
CA LYS B 64 -19.40 -11.71 -9.26
C LYS B 64 -20.49 -12.77 -9.35
N GLU B 65 -20.35 -13.78 -10.22
CA GLU B 65 -21.39 -14.79 -10.36
C GLU B 65 -21.44 -15.77 -9.20
N MET B 66 -20.43 -15.78 -8.32
CA MET B 66 -20.35 -16.75 -7.25
C MET B 66 -21.18 -16.28 -6.06
N LEU B 67 -22.32 -16.95 -5.82
CA LEU B 67 -23.20 -16.73 -4.67
C LEU B 67 -23.90 -15.37 -4.66
N LEU B 68 -23.16 -14.29 -4.89
CA LEU B 68 -23.73 -12.97 -4.71
C LEU B 68 -25.01 -12.69 -5.50
N PRO B 69 -25.21 -13.21 -6.72
CA PRO B 69 -26.47 -12.90 -7.42
C PRO B 69 -27.72 -13.24 -6.63
N ASP B 70 -27.73 -14.37 -5.90
CA ASP B 70 -28.88 -14.70 -5.06
C ASP B 70 -29.16 -13.59 -4.05
N ILE B 71 -28.11 -13.09 -3.39
CA ILE B 71 -28.26 -12.03 -2.40
C ILE B 71 -28.70 -10.74 -3.06
N ALA B 72 -28.16 -10.44 -4.25
CA ALA B 72 -28.52 -9.22 -4.95
C ALA B 72 -29.99 -9.23 -5.34
N GLU B 73 -30.51 -10.38 -5.76
CA GLU B 73 -31.93 -10.48 -6.08
C GLU B 73 -32.78 -10.16 -4.88
N THR B 74 -32.40 -10.65 -3.70
CA THR B 74 -33.12 -10.33 -2.47
C THR B 74 -33.06 -8.84 -2.17
N PHE B 75 -31.84 -8.27 -2.22
CA PHE B 75 -31.69 -6.83 -1.98
C PHE B 75 -32.56 -6.03 -2.94
N GLN B 76 -32.56 -6.42 -4.22
CA GLN B 76 -33.36 -5.74 -5.23
C GLN B 76 -34.84 -5.82 -4.89
N SER B 77 -35.33 -7.01 -4.55
CA SER B 77 -36.75 -7.15 -4.20
C SER B 77 -37.13 -6.32 -2.97
N GLN B 78 -36.15 -6.04 -2.10
CA GLN B 78 -36.39 -5.23 -0.91
C GLN B 78 -36.12 -3.76 -1.14
N GLY B 79 -35.94 -3.33 -2.39
CA GLY B 79 -35.85 -1.93 -2.73
C GLY B 79 -34.47 -1.34 -2.90
N PHE B 80 -33.42 -2.16 -3.02
CA PHE B 80 -32.04 -1.67 -3.15
C PHE B 80 -31.53 -1.89 -4.56
N ASN B 81 -31.13 -0.81 -5.24
CA ASN B 81 -30.24 -0.97 -6.37
C ASN B 81 -29.02 -1.75 -5.88
N THR B 82 -28.64 -2.82 -6.60
CA THR B 82 -27.51 -3.62 -6.17
C THR B 82 -26.53 -3.81 -7.32
N TYR B 83 -25.26 -3.50 -7.06
CA TYR B 83 -24.17 -3.65 -8.01
C TYR B 83 -23.21 -4.70 -7.49
N ILE B 84 -23.03 -5.78 -8.26
CA ILE B 84 -22.02 -6.79 -8.00
C ILE B 84 -21.04 -6.76 -9.17
N TYR B 85 -19.74 -6.76 -8.87
CA TYR B 85 -18.75 -6.51 -9.91
C TYR B 85 -17.55 -7.41 -9.74
N ASP B 86 -16.85 -7.62 -10.84
CA ASP B 86 -15.54 -8.24 -10.82
C ASP B 86 -14.47 -7.20 -10.52
N PRO B 87 -13.68 -7.35 -9.46
CA PRO B 87 -12.62 -6.36 -9.20
C PRO B 87 -11.55 -6.40 -10.29
N ARG B 88 -10.74 -5.35 -10.31
CA ARG B 88 -9.65 -5.16 -11.26
C ARG B 88 -8.86 -6.45 -11.49
N SER B 89 -8.65 -6.78 -12.77
CA SER B 89 -7.86 -7.91 -13.25
C SER B 89 -8.53 -9.26 -13.04
N ILE B 90 -9.79 -9.29 -12.60
CA ILE B 90 -10.51 -10.52 -12.28
C ILE B 90 -11.73 -10.63 -13.19
N GLY B 91 -12.04 -11.84 -13.62
CA GLY B 91 -13.31 -12.08 -14.31
C GLY B 91 -13.40 -11.29 -15.59
N ASP B 92 -14.49 -10.54 -15.75
CA ASP B 92 -14.76 -9.73 -16.94
C ASP B 92 -14.09 -8.37 -16.89
N SER B 93 -13.45 -7.99 -15.79
CA SER B 93 -12.93 -6.64 -15.65
C SER B 93 -11.52 -6.50 -16.23
N ASP B 94 -11.23 -5.31 -16.72
CA ASP B 94 -9.89 -4.97 -17.17
C ASP B 94 -8.89 -5.06 -16.02
N GLY B 95 -7.62 -5.09 -16.39
CA GLY B 95 -6.55 -5.03 -15.42
C GLY B 95 -5.46 -6.05 -15.74
N SER B 96 -4.21 -5.60 -15.79
CA SER B 96 -3.08 -6.45 -16.11
C SER B 96 -1.94 -6.15 -15.16
N PRO B 97 -1.23 -7.19 -14.66
CA PRO B 97 -1.43 -8.61 -14.95
C PRO B 97 -2.72 -9.16 -14.37
N LYS B 98 -3.20 -10.26 -14.96
CA LYS B 98 -4.49 -10.83 -14.57
C LYS B 98 -4.39 -11.47 -13.20
N ASN B 99 -5.48 -11.35 -12.43
CA ASN B 99 -5.60 -11.97 -11.11
C ASN B 99 -4.46 -11.56 -10.20
N LEU B 100 -4.10 -10.29 -10.23
CA LEU B 100 -3.16 -9.71 -9.28
C LEU B 100 -4.03 -9.00 -8.24
N ILE B 101 -4.17 -9.62 -7.07
CA ILE B 101 -5.08 -9.13 -6.03
C ILE B 101 -4.34 -8.05 -5.26
N ASP B 102 -4.75 -6.80 -5.45
CA ASP B 102 -4.13 -5.65 -4.80
C ASP B 102 -5.22 -4.99 -3.97
N PRO B 103 -5.32 -5.28 -2.67
CA PRO B 103 -6.48 -4.80 -1.90
C PRO B 103 -6.57 -3.29 -1.84
N LEU B 104 -5.44 -2.60 -1.75
CA LEU B 104 -5.50 -1.14 -1.69
C LEU B 104 -5.96 -0.55 -3.01
N GLN B 105 -5.56 -1.16 -4.14
CA GLN B 105 -6.08 -0.68 -5.41
C GLN B 105 -7.57 -0.99 -5.56
N GLN B 106 -8.01 -2.15 -5.05
CA GLN B 106 -9.45 -2.41 -5.06
C GLN B 106 -10.21 -1.39 -4.23
N ALA B 107 -9.63 -0.98 -3.09
CA ALA B 107 -10.26 0.04 -2.26
C ALA B 107 -10.39 1.35 -3.00
N GLU B 108 -9.33 1.77 -3.69
CA GLU B 108 -9.40 3.00 -4.49
C GLU B 108 -10.37 2.86 -5.64
N ASP B 109 -10.38 1.69 -6.31
CA ASP B 109 -11.33 1.47 -7.40
C ASP B 109 -12.77 1.63 -6.90
N LEU B 110 -13.04 1.24 -5.66
CA LEU B 110 -14.38 1.38 -5.10
C LEU B 110 -14.84 2.84 -5.03
N ALA B 111 -13.91 3.79 -4.84
CA ALA B 111 -14.32 5.19 -4.90
C ALA B 111 -14.83 5.56 -6.28
N ASP B 112 -14.20 5.04 -7.33
CA ASP B 112 -14.64 5.36 -8.69
C ASP B 112 -15.90 4.60 -9.04
N ILE B 113 -16.07 3.39 -8.50
CA ILE B 113 -17.33 2.66 -8.63
C ILE B 113 -18.45 3.45 -7.95
N VAL B 114 -18.21 3.92 -6.72
CA VAL B 114 -19.22 4.73 -6.04
C VAL B 114 -19.60 5.94 -6.88
N THR B 115 -18.60 6.60 -7.48
CA THR B 115 -18.87 7.76 -8.33
C THR B 115 -19.85 7.39 -9.44
N HIS B 116 -19.58 6.31 -10.17
CA HIS B 116 -20.44 6.02 -11.32
C HIS B 116 -21.81 5.50 -10.88
N ILE B 117 -21.85 4.62 -9.88
CA ILE B 117 -23.12 4.08 -9.39
C ILE B 117 -23.99 5.20 -8.83
N SER B 118 -23.38 6.15 -8.13
CA SER B 118 -24.13 7.28 -7.59
C SER B 118 -24.77 8.14 -8.67
N SER B 119 -24.23 8.11 -9.90
CA SER B 119 -24.70 8.94 -10.99
C SER B 119 -25.89 8.33 -11.73
N LEU B 120 -26.20 7.06 -11.49
CA LEU B 120 -27.25 6.39 -12.25
C LEU B 120 -28.63 6.95 -11.90
N PRO B 121 -29.57 6.93 -12.86
CA PRO B 121 -30.87 7.59 -12.63
C PRO B 121 -31.68 6.99 -11.48
N SER B 122 -31.64 5.67 -11.31
CA SER B 122 -32.44 5.05 -10.25
C SER B 122 -31.77 5.08 -8.88
N VAL B 123 -30.59 5.68 -8.76
CA VAL B 123 -29.82 5.63 -7.52
C VAL B 123 -29.94 6.97 -6.79
N ASP B 124 -30.33 6.91 -5.51
CA ASP B 124 -30.25 8.05 -4.59
C ASP B 124 -28.81 8.11 -4.05
N SER B 125 -28.06 9.12 -4.50
CA SER B 125 -26.65 9.27 -4.17
C SER B 125 -26.39 9.49 -2.68
N SER B 126 -27.41 9.83 -1.88
CA SER B 126 -27.21 10.04 -0.45
C SER B 126 -27.33 8.76 0.35
N LYS B 127 -27.54 7.61 -0.28
CA LYS B 127 -27.83 6.36 0.42
C LYS B 127 -27.03 5.19 -0.19
N ILE B 128 -25.71 5.32 -0.17
CA ILE B 128 -24.81 4.31 -0.73
C ILE B 128 -24.27 3.46 0.40
N THR B 129 -24.33 2.13 0.23
CA THR B 129 -23.77 1.17 1.18
C THR B 129 -22.69 0.36 0.49
N LEU B 130 -21.56 0.14 1.18
CA LEU B 130 -20.56 -0.82 0.72
C LEU B 130 -20.72 -2.12 1.47
N TRP B 131 -20.75 -3.22 0.73
CA TRP B 131 -20.95 -4.58 1.24
C TRP B 131 -19.84 -5.45 0.69
N GLY B 132 -19.26 -6.29 1.53
CA GLY B 132 -18.19 -7.16 1.06
C GLY B 132 -18.17 -8.47 1.81
N MET B 133 -17.84 -9.54 1.09
CA MET B 133 -17.71 -10.86 1.71
C MET B 133 -16.25 -11.25 1.75
N SER B 134 -15.84 -11.82 2.88
CA SER B 134 -14.49 -12.37 3.04
C SER B 134 -13.49 -11.23 2.83
N PHE B 135 -12.41 -11.48 2.10
CA PHE B 135 -11.45 -10.46 1.66
C PHE B 135 -12.13 -9.18 1.18
N GLY B 136 -13.27 -9.32 0.47
CA GLY B 136 -13.96 -8.16 -0.05
C GLY B 136 -14.60 -7.31 1.02
N GLY B 137 -14.93 -7.92 2.17
CA GLY B 137 -15.39 -7.13 3.29
C GLY B 137 -14.30 -6.23 3.85
N THR B 138 -13.07 -6.76 3.93
CA THR B 138 -11.96 -5.95 4.41
C THR B 138 -11.62 -4.84 3.42
N VAL B 139 -11.65 -5.15 2.12
CA VAL B 139 -11.43 -4.12 1.11
C VAL B 139 -12.50 -3.03 1.23
N SER B 140 -13.76 -3.42 1.42
CA SER B 140 -14.83 -2.43 1.54
C SER B 140 -14.60 -1.49 2.71
N ALA B 141 -14.17 -2.02 3.85
CA ALA B 141 -13.88 -1.16 5.00
C ALA B 141 -12.83 -0.11 4.65
N CYS B 142 -11.77 -0.51 3.92
CA CYS B 142 -10.74 0.46 3.55
C CYS B 142 -11.31 1.57 2.67
N ALA B 143 -12.19 1.23 1.72
CA ALA B 143 -12.84 2.27 0.92
C ALA B 143 -13.71 3.16 1.80
N ALA B 144 -14.41 2.57 2.79
CA ALA B 144 -15.29 3.39 3.62
C ALA B 144 -14.48 4.36 4.47
N ALA B 145 -13.26 3.98 4.85
CA ALA B 145 -12.43 4.83 5.68
C ALA B 145 -12.25 6.22 5.09
N VAL B 146 -12.06 6.31 3.77
CA VAL B 146 -11.72 7.60 3.14
C VAL B 146 -12.91 8.26 2.46
N ASP B 147 -14.04 7.60 2.34
CA ASP B 147 -15.10 8.07 1.44
C ASP B 147 -16.40 8.28 2.22
N ARG B 148 -16.69 9.53 2.58
CA ARG B 148 -17.89 9.80 3.37
C ARG B 148 -19.16 9.57 2.57
N ARG B 149 -19.08 9.38 1.25
CA ARG B 149 -20.27 9.00 0.51
C ARG B 149 -20.79 7.63 0.93
N VAL B 150 -19.93 6.82 1.55
CA VAL B 150 -20.32 5.51 2.04
C VAL B 150 -21.03 5.71 3.38
N LYS B 151 -22.33 5.42 3.41
CA LYS B 151 -23.16 5.69 4.57
C LYS B 151 -23.34 4.48 5.49
N ALA B 152 -23.07 3.28 5.00
CA ALA B 152 -23.12 2.08 5.83
C ALA B 152 -22.11 1.09 5.26
N LEU B 153 -21.61 0.20 6.12
CA LEU B 153 -20.59 -0.77 5.75
C LEU B 153 -21.03 -2.13 6.29
N VAL B 154 -21.12 -3.12 5.41
CA VAL B 154 -21.45 -4.48 5.83
C VAL B 154 -20.26 -5.36 5.48
N MET B 155 -19.64 -5.97 6.50
CA MET B 155 -18.53 -6.91 6.30
C MET B 155 -18.99 -8.31 6.70
N VAL B 156 -18.92 -9.24 5.76
CA VAL B 156 -19.21 -10.65 6.04
C VAL B 156 -17.88 -11.38 6.11
N CYS B 157 -17.66 -12.11 7.21
CA CYS B 157 -16.46 -12.88 7.48
C CYS B 157 -15.17 -12.18 6.96
N PRO B 158 -14.91 -10.95 7.39
CA PRO B 158 -13.71 -10.26 6.89
C PRO B 158 -12.44 -11.00 7.30
N ILE B 159 -11.48 -11.05 6.37
CA ILE B 159 -10.15 -11.62 6.62
C ILE B 159 -9.20 -10.47 6.95
N LEU B 160 -8.46 -10.58 8.05
CA LEU B 160 -7.70 -9.45 8.56
C LEU B 160 -6.21 -9.69 8.68
N SER B 161 -5.74 -10.90 8.39
CA SER B 161 -4.30 -11.19 8.36
C SER B 161 -4.07 -12.27 7.32
N PHE B 162 -2.80 -12.43 6.93
CA PHE B 162 -2.47 -13.21 5.75
C PHE B 162 -1.19 -14.03 5.93
N TYR B 163 -0.13 -13.46 6.50
CA TYR B 163 1.14 -14.17 6.60
C TYR B 163 1.22 -14.97 7.89
N GLN B 164 1.72 -16.20 7.78
CA GLN B 164 2.28 -16.90 8.95
C GLN B 164 3.75 -16.53 9.03
N ALA B 165 4.18 -16.06 10.20
CA ALA B 165 5.54 -15.55 10.39
C ALA B 165 6.60 -16.55 9.91
N GLU B 166 6.36 -17.84 10.14
CA GLU B 166 7.29 -18.90 9.81
C GLU B 166 7.50 -19.06 8.30
N LYS B 167 6.56 -18.60 7.48
CA LYS B 167 6.65 -18.72 6.03
C LYS B 167 7.15 -17.44 5.37
N ARG B 168 7.32 -16.37 6.14
CA ARG B 168 7.53 -15.04 5.56
C ARG B 168 8.83 -14.97 4.75
N ASP B 169 9.96 -15.37 5.34
CA ASP B 169 11.25 -15.20 4.65
C ASP B 169 11.28 -15.97 3.33
N LYS B 170 10.76 -17.20 3.34
CA LYS B 170 10.71 -17.99 2.11
C LYS B 170 9.80 -17.34 1.07
N ALA B 171 8.65 -16.82 1.51
CA ALA B 171 7.74 -16.20 0.56
C ALA B 171 8.33 -14.92 -0.03
N PHE B 172 9.00 -14.11 0.80
CA PHE B 172 9.64 -12.90 0.31
C PHE B 172 10.72 -13.23 -0.72
N LEU B 173 11.53 -14.24 -0.43
CA LEU B 173 12.55 -14.65 -1.39
C LEU B 173 11.92 -15.06 -2.72
N GLN B 174 10.82 -15.82 -2.67
CA GLN B 174 10.15 -16.22 -3.90
C GLN B 174 9.63 -15.01 -4.67
N LEU B 175 9.14 -14.01 -3.93
CA LEU B 175 8.65 -12.79 -4.57
C LEU B 175 9.76 -12.08 -5.32
N ILE B 176 10.92 -11.89 -4.65
CA ILE B 176 12.02 -11.18 -5.30
C ILE B 176 12.48 -11.95 -6.53
N ARG B 177 12.50 -13.28 -6.45
CA ARG B 177 12.93 -14.05 -7.60
C ARG B 177 11.93 -13.96 -8.75
N ASP B 178 10.64 -13.81 -8.45
CA ASP B 178 9.68 -13.59 -9.52
C ASP B 178 9.89 -12.22 -10.19
N ARG B 179 10.24 -11.19 -9.40
CA ARG B 179 10.59 -9.91 -10.01
C ARG B 179 11.74 -10.08 -11.00
N GLN B 180 12.77 -10.82 -10.59
CA GLN B 180 13.91 -10.99 -11.46
C GLN B 180 13.54 -11.79 -12.70
N SER B 181 12.68 -12.79 -12.54
CA SER B 181 12.17 -13.54 -13.68
C SER B 181 11.39 -12.61 -14.62
N GLN B 182 10.62 -11.69 -14.06
CA GLN B 182 9.90 -10.74 -14.91
C GLN B 182 10.86 -9.78 -15.61
N LEU B 183 11.90 -9.34 -14.91
CA LEU B 183 12.89 -8.44 -15.52
C LEU B 183 13.60 -9.12 -16.68
N ARG B 184 13.78 -10.43 -16.63
CA ARG B 184 14.36 -11.19 -17.74
C ARG B 184 13.36 -11.45 -18.85
N GLY B 185 12.10 -11.03 -18.71
CA GLY B 185 11.13 -11.13 -19.78
C GLY B 185 10.06 -12.17 -19.60
N ASN B 186 10.07 -12.94 -18.51
CA ASN B 186 9.05 -13.95 -18.29
C ASN B 186 7.76 -13.32 -17.74
N GLU B 187 6.65 -14.02 -17.96
CA GLU B 187 5.38 -13.58 -17.41
C GLU B 187 5.40 -13.71 -15.89
N PRO B 188 4.62 -12.89 -15.19
CA PRO B 188 4.45 -13.07 -13.73
C PRO B 188 4.08 -14.50 -13.37
N PHE B 189 4.74 -15.04 -12.34
CA PHE B 189 4.40 -16.38 -11.89
C PHE B 189 2.98 -16.41 -11.37
N MET B 190 2.23 -17.46 -11.75
CA MET B 190 0.85 -17.68 -11.36
C MET B 190 0.76 -18.98 -10.58
N LEU B 191 -0.19 -19.07 -9.65
CA LEU B 191 -0.39 -20.27 -8.87
C LEU B 191 -1.80 -20.28 -8.30
N PRO B 192 -2.37 -21.45 -8.02
CA PRO B 192 -3.67 -21.50 -7.31
C PRO B 192 -3.52 -20.91 -5.92
N PRO B 193 -4.51 -20.13 -5.48
CA PRO B 193 -4.45 -19.58 -4.10
C PRO B 193 -4.40 -20.65 -3.03
N PHE B 194 -4.89 -21.86 -3.34
CA PHE B 194 -4.84 -22.99 -2.41
C PHE B 194 -4.47 -24.23 -3.23
N ASN B 195 -3.39 -24.90 -2.85
CA ASN B 195 -3.05 -26.15 -3.52
C ASN B 195 -3.84 -27.30 -2.88
N SER B 196 -3.56 -28.53 -3.33
CA SER B 196 -4.38 -29.68 -2.91
C SER B 196 -4.17 -30.06 -1.45
N LYS B 197 -3.11 -29.57 -0.81
CA LYS B 197 -2.95 -29.70 0.64
C LYS B 197 -3.61 -28.55 1.39
N GLY B 198 -4.33 -27.69 0.68
CA GLY B 198 -4.91 -26.50 1.24
C GLY B 198 -3.95 -25.37 1.51
N GLU B 199 -2.72 -25.44 0.99
CA GLU B 199 -1.67 -24.53 1.39
C GLU B 199 -1.35 -23.52 0.31
N ASN B 200 -0.62 -22.48 0.71
CA ASN B 200 -0.11 -21.47 -0.20
C ASN B 200 1.16 -20.90 0.42
N PRO B 201 1.96 -20.18 -0.37
CA PRO B 201 3.29 -19.80 0.13
C PRO B 201 3.30 -18.93 1.37
N ILE B 202 2.27 -18.12 1.60
CA ILE B 202 2.32 -17.22 2.75
C ILE B 202 1.57 -17.77 3.96
N GLY B 203 0.78 -18.83 3.78
CA GLY B 203 0.02 -19.37 4.88
C GLY B 203 -1.29 -18.66 5.19
N MET B 204 -1.97 -18.14 4.17
CA MET B 204 -3.17 -17.35 4.40
C MET B 204 -4.44 -18.21 4.37
N ALA B 205 -5.44 -17.75 5.12
CA ALA B 205 -6.84 -18.19 5.00
C ALA B 205 -7.00 -19.68 5.25
N GLY B 206 -6.37 -20.16 6.32
CA GLY B 206 -6.52 -21.55 6.70
C GLY B 206 -5.45 -22.48 6.17
N SER B 207 -4.50 -21.97 5.40
CA SER B 207 -3.40 -22.77 4.90
C SER B 207 -2.77 -23.60 6.00
N GLY B 208 -2.66 -24.91 5.77
CA GLY B 208 -2.10 -25.82 6.75
C GLY B 208 -3.12 -26.46 7.67
N GLY B 209 -4.37 -26.03 7.62
CA GLY B 209 -5.41 -26.58 8.46
C GLY B 209 -6.62 -26.93 7.63
N PRO B 210 -7.74 -27.25 8.30
CA PRO B 210 -8.96 -27.62 7.55
C PRO B 210 -9.47 -26.53 6.65
N GLY B 211 -9.32 -25.26 7.05
CA GLY B 211 -9.86 -24.18 6.26
C GLY B 211 -9.26 -24.10 4.87
N GLY B 212 -7.94 -24.28 4.77
CA GLY B 212 -7.29 -24.21 3.47
C GLY B 212 -7.71 -25.36 2.57
N ILE B 213 -7.91 -26.54 3.15
CA ILE B 213 -8.40 -27.68 2.38
C ILE B 213 -9.82 -27.41 1.88
N GLU B 214 -10.66 -26.82 2.73
CA GLU B 214 -12.00 -26.46 2.29
C GLU B 214 -11.97 -25.40 1.19
N ALA B 215 -11.07 -24.42 1.31
CA ALA B 215 -10.92 -23.42 0.26
C ALA B 215 -10.45 -24.04 -1.05
N TYR B 216 -9.50 -24.97 -0.97
CA TYR B 216 -9.05 -25.67 -2.18
C TYR B 216 -10.21 -26.34 -2.91
N GLY B 217 -11.01 -27.12 -2.18
CA GLY B 217 -12.14 -27.78 -2.81
C GLY B 217 -13.16 -26.80 -3.34
N PHE B 218 -13.40 -25.72 -2.59
CA PHE B 218 -14.35 -24.70 -3.02
C PHE B 218 -13.92 -24.05 -4.33
N MET B 219 -12.66 -23.61 -4.40
CA MET B 219 -12.16 -22.97 -5.62
C MET B 219 -12.17 -23.94 -6.79
N GLY B 220 -11.86 -25.21 -6.52
CA GLY B 220 -11.81 -26.22 -7.56
C GLY B 220 -13.16 -26.57 -8.14
N ALA B 221 -14.24 -26.26 -7.43
CA ALA B 221 -15.58 -26.62 -7.88
C ALA B 221 -16.32 -25.49 -8.57
N VAL B 222 -15.71 -24.31 -8.65
CA VAL B 222 -16.43 -23.11 -9.07
C VAL B 222 -16.88 -23.21 -10.51
N ILE B 223 -15.97 -23.62 -11.42
CA ILE B 223 -16.36 -23.67 -12.83
C ILE B 223 -17.46 -24.72 -13.03
N ASP B 224 -17.37 -25.86 -12.34
CA ASP B 224 -18.43 -26.86 -12.44
C ASP B 224 -19.73 -26.40 -11.77
N ARG B 225 -19.68 -25.34 -10.96
CA ARG B 225 -20.86 -24.85 -10.24
C ARG B 225 -21.53 -23.69 -10.94
N GLY B 226 -21.05 -23.29 -12.12
CA GLY B 226 -21.74 -22.29 -12.92
C GLY B 226 -21.17 -20.89 -12.86
N ALA B 227 -19.84 -20.78 -12.96
CA ALA B 227 -19.17 -19.48 -13.03
C ALA B 227 -18.13 -19.55 -14.15
N PRO B 228 -18.36 -18.86 -15.27
CA PRO B 228 -17.53 -19.12 -16.45
C PRO B 228 -16.16 -18.47 -16.40
N ASN B 229 -16.11 -17.14 -16.23
CA ASN B 229 -14.92 -16.28 -16.23
C ASN B 229 -13.99 -16.53 -15.05
N PHE B 230 -14.27 -17.57 -14.26
CA PHE B 230 -13.43 -17.86 -13.13
C PHE B 230 -12.10 -18.44 -13.59
N ARG B 231 -11.01 -17.92 -13.04
CA ARG B 231 -9.67 -18.44 -13.25
C ARG B 231 -9.09 -18.76 -11.88
N ASN B 232 -8.82 -20.04 -11.62
CA ASN B 232 -8.37 -20.49 -10.30
C ASN B 232 -6.85 -20.34 -10.14
N LYS B 233 -6.36 -19.13 -10.37
CA LYS B 233 -4.96 -18.83 -10.19
C LYS B 233 -4.83 -17.35 -9.88
N ILE B 234 -3.80 -17.00 -9.10
CA ILE B 234 -3.48 -15.61 -8.84
C ILE B 234 -2.03 -15.37 -9.25
N ALA B 235 -1.73 -14.10 -9.52
CA ALA B 235 -0.33 -13.69 -9.65
C ALA B 235 0.36 -13.78 -8.29
N LEU B 236 1.54 -14.40 -8.26
CA LEU B 236 2.32 -14.48 -7.03
C LEU B 236 2.54 -13.11 -6.41
N GLN B 237 2.72 -12.07 -7.24
CA GLN B 237 2.96 -10.72 -6.71
C GLN B 237 1.82 -10.21 -5.85
N THR B 238 0.64 -10.84 -5.89
CA THR B 238 -0.40 -10.62 -4.90
C THR B 238 0.18 -10.61 -3.49
N TYR B 239 1.08 -11.56 -3.21
CA TYR B 239 1.61 -11.69 -1.85
C TYR B 239 2.50 -10.50 -1.48
N GLN B 240 3.08 -9.81 -2.45
CA GLN B 240 3.79 -8.58 -2.16
C GLN B 240 2.82 -7.52 -1.67
N LYS B 241 1.66 -7.40 -2.33
CA LYS B 241 0.65 -6.43 -1.89
C LYS B 241 0.14 -6.78 -0.51
N LEU B 242 -0.03 -8.07 -0.21
CA LEU B 242 -0.52 -8.45 1.12
C LEU B 242 0.52 -8.21 2.20
N ALA B 243 1.81 -8.22 1.85
CA ALA B 243 2.81 -7.94 2.87
C ALA B 243 2.78 -6.48 3.30
N TRP B 244 2.44 -5.57 2.39
CA TRP B 244 2.40 -4.15 2.74
C TRP B 244 1.12 -3.81 3.50
N TRP B 245 0.01 -4.44 3.14
CA TRP B 245 -1.30 -4.09 3.68
C TRP B 245 -1.37 -4.27 5.19
N GLN B 246 -1.82 -3.25 5.90
CA GLN B 246 -2.07 -3.35 7.34
C GLN B 246 -3.54 -3.04 7.60
N PRO B 247 -4.45 -3.94 7.17
CA PRO B 247 -5.88 -3.60 7.24
C PRO B 247 -6.38 -3.34 8.65
N LYS B 248 -5.81 -4.00 9.68
CA LYS B 248 -6.24 -3.69 11.03
C LYS B 248 -6.00 -2.24 11.38
N GLU B 249 -4.95 -1.63 10.83
CA GLU B 249 -4.73 -0.22 11.12
C GLU B 249 -5.70 0.66 10.33
N ILE B 250 -5.99 0.28 9.08
CA ILE B 250 -6.88 1.10 8.26
C ILE B 250 -8.30 1.03 8.79
N LEU B 251 -8.71 -0.13 9.30
CA LEU B 251 -10.03 -0.25 9.92
C LEU B 251 -10.20 0.70 11.10
N LYS B 252 -9.11 1.03 11.81
CA LYS B 252 -9.20 2.03 12.88
C LYS B 252 -9.59 3.41 12.36
N LEU B 253 -9.36 3.68 11.07
CA LEU B 253 -9.80 4.96 10.50
C LEU B 253 -11.29 5.01 10.28
N VAL B 254 -11.95 3.85 10.24
CA VAL B 254 -13.40 3.82 10.06
C VAL B 254 -14.01 4.08 11.43
N ASP B 255 -14.16 5.36 11.78
CA ASP B 255 -14.66 5.72 13.11
C ASP B 255 -15.98 6.47 13.05
N LYS B 256 -16.63 6.53 11.89
CA LYS B 256 -17.93 7.17 11.77
C LYS B 256 -18.95 6.37 11.00
N THR B 257 -18.54 5.48 10.11
CA THR B 257 -19.48 4.77 9.26
C THR B 257 -20.16 3.65 10.04
N PRO B 258 -21.49 3.63 10.15
CA PRO B 258 -22.15 2.50 10.82
C PRO B 258 -21.79 1.19 10.15
N VAL B 259 -21.40 0.20 10.95
CA VAL B 259 -20.83 -1.03 10.41
C VAL B 259 -21.54 -2.23 10.99
N LEU B 260 -21.95 -3.15 10.13
CA LEU B 260 -22.48 -4.45 10.51
C LEU B 260 -21.44 -5.49 10.16
N MET B 261 -21.04 -6.30 11.14
CA MET B 261 -20.15 -7.43 10.89
C MET B 261 -20.89 -8.73 11.13
N VAL B 262 -20.83 -9.64 10.15
CA VAL B 262 -21.42 -10.96 10.21
C VAL B 262 -20.26 -11.96 10.25
N THR B 263 -20.11 -12.66 11.37
CA THR B 263 -18.99 -13.57 11.57
C THR B 263 -19.50 -15.01 11.67
N PRO B 264 -18.95 -15.95 10.92
CA PRO B 264 -19.35 -17.36 11.09
C PRO B 264 -18.76 -17.92 12.37
N GLU B 265 -19.59 -18.65 13.12
CA GLU B 265 -19.12 -19.20 14.39
C GLU B 265 -17.91 -20.10 14.20
N LEU B 266 -17.93 -20.92 13.15
CA LEU B 266 -16.90 -21.93 12.95
C LEU B 266 -16.01 -21.58 11.76
N ASP B 267 -15.71 -20.29 11.59
CA ASP B 267 -14.84 -19.86 10.51
C ASP B 267 -13.44 -20.44 10.71
N THR B 268 -13.00 -21.35 9.83
CA THR B 268 -11.66 -21.91 9.88
C THR B 268 -10.69 -21.21 8.91
N MET B 269 -11.13 -20.15 8.25
CA MET B 269 -10.25 -19.41 7.34
C MET B 269 -9.87 -18.05 7.89
N SER B 270 -10.81 -17.39 8.57
CA SER B 270 -10.53 -16.14 9.28
C SER B 270 -10.97 -16.32 10.72
N PRO B 271 -10.05 -16.40 11.69
CA PRO B 271 -10.44 -16.70 13.09
C PRO B 271 -11.51 -15.75 13.58
N PRO B 272 -12.64 -16.28 14.09
CA PRO B 272 -13.68 -15.38 14.59
C PRO B 272 -13.19 -14.41 15.65
N GLU B 273 -12.22 -14.80 16.48
CA GLU B 273 -11.72 -13.88 17.49
C GLU B 273 -10.96 -12.72 16.88
N GLU B 274 -10.30 -12.96 15.73
CA GLU B 274 -9.68 -11.86 14.99
C GLU B 274 -10.72 -10.91 14.43
N GLN B 275 -11.80 -11.44 13.85
CA GLN B 275 -12.90 -10.60 13.42
C GLN B 275 -13.49 -9.82 14.59
N LYS B 276 -13.71 -10.48 15.72
CA LYS B 276 -14.28 -9.81 16.89
C LYS B 276 -13.35 -8.75 17.46
N ALA B 277 -12.03 -8.96 17.40
CA ALA B 277 -11.09 -7.96 17.92
C ALA B 277 -11.18 -6.66 17.13
N ALA B 278 -11.34 -6.77 15.80
CA ALA B 278 -11.54 -5.58 14.98
C ALA B 278 -12.87 -4.91 15.29
N PHE B 279 -13.93 -5.70 15.45
CA PHE B 279 -15.25 -5.12 15.72
C PHE B 279 -15.25 -4.31 17.03
N GLU B 280 -14.51 -4.79 18.03
CA GLU B 280 -14.44 -4.11 19.32
C GLU B 280 -13.87 -2.69 19.21
N LEU B 281 -12.96 -2.45 18.27
CA LEU B 281 -12.33 -1.14 18.19
C LEU B 281 -13.23 -0.05 17.60
N PHE B 282 -14.27 -0.42 16.85
CA PHE B 282 -15.14 0.58 16.23
C PHE B 282 -15.87 1.41 17.29
N PRO B 283 -15.68 2.72 17.33
CA PRO B 283 -16.41 3.56 18.31
C PRO B 283 -17.79 4.01 17.88
N GLN B 284 -18.15 3.88 16.60
CA GLN B 284 -19.38 4.46 16.08
C GLN B 284 -20.52 3.44 16.20
N THR B 285 -21.69 3.78 15.66
CA THR B 285 -22.82 2.86 15.59
C THR B 285 -22.42 1.56 14.90
N LYS B 286 -22.77 0.43 15.51
CA LYS B 286 -22.28 -0.84 14.96
C LYS B 286 -23.19 -1.97 15.41
N LYS B 287 -23.14 -3.08 14.68
CA LYS B 287 -23.89 -4.27 15.07
C LYS B 287 -23.09 -5.51 14.68
N PHE B 288 -23.13 -6.52 15.54
CA PHE B 288 -22.41 -7.77 15.32
C PHE B 288 -23.40 -8.91 15.22
N LEU B 289 -23.25 -9.77 14.22
CA LEU B 289 -24.06 -10.97 14.08
C LEU B 289 -23.15 -12.18 13.93
N GLU B 290 -23.31 -13.17 14.80
CA GLU B 290 -22.59 -14.43 14.67
C GLU B 290 -23.51 -15.47 14.04
N ALA B 291 -23.07 -16.07 12.94
CA ALA B 291 -23.84 -17.12 12.27
C ALA B 291 -23.47 -18.48 12.88
N LYS B 292 -24.38 -19.01 13.69
CA LYS B 292 -24.10 -20.24 14.44
C LYS B 292 -23.86 -21.40 13.49
N GLY B 293 -22.86 -22.21 13.80
CA GLY B 293 -22.56 -23.40 13.04
C GLY B 293 -22.04 -23.20 11.63
N LYS B 294 -21.87 -21.95 11.17
CA LYS B 294 -21.39 -21.72 9.82
C LYS B 294 -19.87 -21.54 9.78
N GLY B 295 -19.31 -21.76 8.59
CA GLY B 295 -17.93 -21.47 8.32
C GLY B 295 -17.78 -20.31 7.34
N HIS B 296 -16.53 -20.09 6.94
CA HIS B 296 -16.20 -18.94 6.08
C HIS B 296 -17.00 -18.94 4.79
N LEU B 297 -17.28 -20.12 4.23
CA LEU B 297 -17.90 -20.19 2.92
C LEU B 297 -19.40 -20.44 2.98
N THR B 298 -19.93 -20.83 4.13
CA THR B 298 -21.35 -21.16 4.23
C THR B 298 -22.12 -20.14 5.06
N VAL B 299 -21.48 -19.04 5.47
CA VAL B 299 -22.09 -18.10 6.42
C VAL B 299 -23.39 -17.52 5.85
N LEU B 300 -23.52 -17.45 4.53
CA LEU B 300 -24.72 -16.94 3.89
C LEU B 300 -25.47 -18.02 3.11
N SER B 301 -25.31 -19.29 3.50
CA SER B 301 -25.96 -20.39 2.82
C SER B 301 -26.77 -21.23 3.81
N GLY B 302 -27.81 -21.89 3.31
CA GLY B 302 -28.48 -22.88 4.13
C GLY B 302 -29.31 -22.27 5.24
N GLU B 303 -29.52 -23.06 6.29
CA GLU B 303 -30.40 -22.66 7.38
C GLU B 303 -29.91 -21.37 8.04
N GLY B 304 -30.82 -20.41 8.20
CA GLY B 304 -30.51 -19.14 8.83
C GLY B 304 -30.07 -18.04 7.88
N SER B 305 -29.75 -18.38 6.63
CA SER B 305 -29.25 -17.38 5.70
C SER B 305 -30.31 -16.32 5.39
N VAL B 306 -31.59 -16.71 5.34
CA VAL B 306 -32.66 -15.74 5.09
C VAL B 306 -32.68 -14.67 6.17
N GLU B 307 -32.63 -15.11 7.44
CA GLU B 307 -32.63 -14.17 8.55
C GLU B 307 -31.38 -13.29 8.53
N VAL B 308 -30.24 -13.83 8.11
CA VAL B 308 -29.01 -13.05 8.05
C VAL B 308 -29.12 -11.95 7.01
N VAL B 309 -29.61 -12.29 5.81
CA VAL B 309 -29.76 -11.29 4.77
C VAL B 309 -30.80 -10.24 5.17
N ASP B 310 -31.88 -10.66 5.82
CA ASP B 310 -32.87 -9.68 6.28
C ASP B 310 -32.26 -8.73 7.31
N ALA B 311 -31.36 -9.26 8.16
CA ALA B 311 -30.67 -8.40 9.12
C ALA B 311 -29.80 -7.36 8.42
N MET B 312 -29.26 -7.69 7.26
CA MET B 312 -28.42 -6.73 6.55
C MET B 312 -29.23 -5.58 6.00
N THR B 313 -30.38 -5.86 5.37
CA THR B 313 -31.19 -4.75 4.86
C THR B 313 -31.81 -3.96 5.99
N GLU B 314 -32.18 -4.63 7.08
CA GLU B 314 -32.67 -3.90 8.25
C GLU B 314 -31.62 -2.93 8.77
N PHE B 315 -30.37 -3.39 8.88
CA PHE B 315 -29.31 -2.54 9.41
C PHE B 315 -29.09 -1.33 8.52
N ILE B 316 -29.12 -1.52 7.20
CA ILE B 316 -28.90 -0.41 6.27
C ILE B 316 -30.03 0.61 6.41
N ARG B 317 -31.28 0.14 6.35
CA ARG B 317 -32.42 1.06 6.49
C ARG B 317 -32.40 1.76 7.83
N GLU B 318 -32.03 1.03 8.89
CA GLU B 318 -31.99 1.62 10.23
C GLU B 318 -30.94 2.72 10.32
N ASN B 319 -29.86 2.64 9.53
CA ASN B 319 -28.77 3.61 9.59
C ASN B 319 -28.60 4.46 8.32
N VAL B 320 -29.20 4.08 7.19
CA VAL B 320 -29.03 4.82 5.94
C VAL B 320 -30.18 5.78 5.71
NA NA C . -10.75 17.26 8.92
C1 GOL D . 13.20 16.34 3.83
O1 GOL D . 13.96 16.07 2.67
C2 GOL D . 11.76 15.84 3.68
O2 GOL D . 11.71 14.58 3.02
C3 GOL D . 10.91 16.86 2.96
O3 GOL D . 9.62 16.66 3.47
CL CL E . 35.81 -2.58 -12.03
CL CL F . 29.30 -10.00 -7.50
C1 GOL G . -22.95 11.91 -0.58
O1 GOL G . -22.20 11.88 0.61
C2 GOL G . -24.14 12.86 -0.39
O2 GOL G . -24.93 12.37 0.67
C3 GOL G . -24.96 12.95 -1.68
O3 GOL G . -26.06 13.80 -1.47
C1 GOL H . -11.18 -17.15 -0.16
O1 GOL H . -10.06 -16.69 0.55
C2 GOL H . -12.39 -16.26 0.10
O2 GOL H . -12.09 -14.87 -0.03
C3 GOL H . -13.47 -16.66 -0.90
O3 GOL H . -14.73 -16.71 -0.27
C1 EDO I . 14.64 -11.45 5.08
O1 EDO I . 13.58 -12.03 4.30
C2 EDO I . 14.95 -10.04 4.59
O2 EDO I . 16.10 -9.56 5.29
#